data_2NX7
#
_entry.id   2NX7
#
_cell.length_a   1.000
_cell.length_b   1.000
_cell.length_c   1.000
_cell.angle_alpha   90.00
_cell.angle_beta   90.00
_cell.angle_gamma   90.00
#
_symmetry.space_group_name_H-M   'P 1'
#
_entity_poly.entity_id   1
_entity_poly.type   'polypeptide(L)'
_entity_poly.pdbx_seq_one_letter_code
;AQNPCSLQQPGCSSACAPACRLSCCSLG
;
_entity_poly.pdbx_strand_id   A
#
# COMPACT_ATOMS: atom_id res chain seq x y z
N ALA A 1 -1.81 2.45 13.89
CA ALA A 1 -1.23 1.74 12.74
C ALA A 1 -1.77 2.29 11.42
N GLN A 2 -1.07 3.30 10.89
CA GLN A 2 -1.48 3.92 9.64
C GLN A 2 -0.68 3.36 8.47
N ASN A 3 -1.25 3.47 7.28
CA ASN A 3 -0.61 2.98 6.06
C ASN A 3 -0.24 4.15 5.14
N PRO A 4 1.01 4.68 5.23
CA PRO A 4 1.42 5.82 4.39
C PRO A 4 1.52 5.47 2.92
N CYS A 5 1.59 4.19 2.62
CA CYS A 5 1.69 3.74 1.25
C CYS A 5 0.48 4.20 0.46
N SER A 6 -0.67 4.24 1.10
CA SER A 6 -1.89 4.71 0.46
C SER A 6 -1.73 6.16 0.00
N LEU A 7 -1.01 6.92 0.81
CA LEU A 7 -0.76 8.34 0.53
C LEU A 7 0.12 8.51 -0.69
N GLN A 8 1.08 7.61 -0.81
CA GLN A 8 2.01 7.62 -1.93
C GLN A 8 1.40 6.91 -3.13
N GLN A 9 0.58 5.91 -2.84
CA GLN A 9 -0.07 5.12 -3.86
C GLN A 9 -1.49 4.75 -3.43
N PRO A 10 -2.51 5.52 -3.87
CA PRO A 10 -3.90 5.27 -3.51
C PRO A 10 -4.29 3.81 -3.67
N GLY A 11 -5.27 3.38 -2.87
CA GLY A 11 -5.75 2.00 -2.94
C GLY A 11 -4.85 1.00 -2.25
N CYS A 12 -3.56 1.32 -2.11
CA CYS A 12 -2.63 0.40 -1.48
C CYS A 12 -3.09 -0.07 -0.11
N SER A 13 -3.29 -1.36 -0.05
CA SER A 13 -3.66 -2.05 1.18
C SER A 13 -2.62 -1.81 2.26
N SER A 14 -3.07 -1.49 3.47
CA SER A 14 -2.15 -1.29 4.58
C SER A 14 -1.37 -2.58 4.83
N ALA A 15 -2.04 -3.69 4.59
CA ALA A 15 -1.46 -5.01 4.77
C ALA A 15 -0.31 -5.24 3.82
N CYS A 16 -0.17 -4.37 2.83
CA CYS A 16 0.92 -4.49 1.87
C CYS A 16 2.18 -3.92 2.49
N ALA A 17 2.00 -3.07 3.51
CA ALA A 17 3.13 -2.46 4.19
C ALA A 17 3.88 -3.48 5.04
N PRO A 18 5.16 -3.22 5.36
CA PRO A 18 5.88 -2.00 4.94
C PRO A 18 6.39 -2.02 3.48
N ALA A 19 6.21 -3.15 2.79
CA ALA A 19 6.68 -3.28 1.41
C ALA A 19 5.90 -2.36 0.49
N CYS A 20 4.60 -2.58 0.47
CA CYS A 20 3.68 -1.82 -0.33
C CYS A 20 4.09 -1.81 -1.81
N ARG A 21 4.40 -2.99 -2.34
CA ARG A 21 4.80 -3.11 -3.74
C ARG A 21 3.66 -2.75 -4.68
N LEU A 22 4.02 -2.23 -5.85
CA LEU A 22 3.05 -1.82 -6.85
C LEU A 22 1.97 -2.88 -7.03
N SER A 23 2.41 -4.08 -7.33
CA SER A 23 1.49 -5.20 -7.54
C SER A 23 0.58 -5.42 -6.33
N CYS A 24 1.05 -5.04 -5.15
CA CYS A 24 0.28 -5.22 -3.93
C CYS A 24 -0.57 -4.00 -3.60
N CYS A 25 0.01 -2.81 -3.73
CA CYS A 25 -0.74 -1.62 -3.41
C CYS A 25 -2.02 -1.52 -4.24
N SER A 26 -1.85 -1.33 -5.54
CA SER A 26 -2.98 -1.22 -6.44
C SER A 26 -3.65 -2.56 -6.69
N LEU A 27 -2.84 -3.52 -7.11
CA LEU A 27 -3.31 -4.86 -7.42
C LEU A 27 -3.17 -5.80 -6.22
N GLY A 28 -3.50 -5.29 -5.03
CA GLY A 28 -3.41 -6.10 -3.84
C GLY A 28 -4.15 -5.50 -2.67
N ALA A 1 -0.10 2.73 14.03
CA ALA A 1 0.20 1.97 12.78
C ALA A 1 -0.59 2.53 11.60
N GLN A 2 -0.01 3.50 10.91
CA GLN A 2 -0.67 4.11 9.76
C GLN A 2 -0.10 3.56 8.46
N ASN A 3 -0.92 3.59 7.41
CA ASN A 3 -0.50 3.09 6.10
C ASN A 3 -0.09 4.24 5.18
N PRO A 4 1.17 4.74 5.29
CA PRO A 4 1.64 5.85 4.45
C PRO A 4 1.70 5.50 2.97
N CYS A 5 1.69 4.21 2.68
CA CYS A 5 1.74 3.75 1.31
C CYS A 5 0.52 4.25 0.54
N SER A 6 -0.60 4.37 1.22
CA SER A 6 -1.82 4.87 0.61
C SER A 6 -1.60 6.30 0.11
N LEU A 7 -0.82 7.05 0.88
CA LEU A 7 -0.49 8.44 0.57
C LEU A 7 0.39 8.49 -0.67
N GLN A 8 1.22 7.48 -0.79
CA GLN A 8 2.14 7.38 -1.92
C GLN A 8 1.44 6.74 -3.12
N GLN A 9 0.51 5.85 -2.83
CA GLN A 9 -0.24 5.16 -3.86
C GLN A 9 -1.68 4.93 -3.41
N PRO A 10 -2.67 5.27 -4.24
CA PRO A 10 -4.09 5.10 -3.88
C PRO A 10 -4.52 3.64 -3.87
N GLY A 11 -5.45 3.33 -2.96
CA GLY A 11 -5.98 1.97 -2.85
C GLY A 11 -5.04 0.99 -2.17
N CYS A 12 -3.76 1.32 -2.06
CA CYS A 12 -2.80 0.41 -1.44
C CYS A 12 -3.23 -0.04 -0.06
N SER A 13 -3.42 -1.34 0.02
CA SER A 13 -3.77 -2.02 1.26
C SER A 13 -2.70 -1.78 2.33
N SER A 14 -3.13 -1.43 3.53
CA SER A 14 -2.18 -1.24 4.63
C SER A 14 -1.42 -2.54 4.88
N ALA A 15 -2.12 -3.64 4.66
CA ALA A 15 -1.57 -4.97 4.84
C ALA A 15 -0.43 -5.22 3.87
N CYS A 16 -0.30 -4.34 2.88
CA CYS A 16 0.77 -4.49 1.90
C CYS A 16 2.05 -3.94 2.50
N ALA A 17 1.91 -3.09 3.52
CA ALA A 17 3.05 -2.51 4.19
C ALA A 17 3.78 -3.54 5.04
N PRO A 18 5.07 -3.31 5.34
CA PRO A 18 5.81 -2.10 4.93
C PRO A 18 6.30 -2.12 3.47
N ALA A 19 6.12 -3.23 2.78
CA ALA A 19 6.55 -3.35 1.39
C ALA A 19 5.77 -2.43 0.48
N CYS A 20 4.46 -2.63 0.48
CA CYS A 20 3.55 -1.85 -0.31
C CYS A 20 3.95 -1.85 -1.79
N ARG A 21 4.24 -3.04 -2.33
CA ARG A 21 4.64 -3.16 -3.73
C ARG A 21 3.48 -2.79 -4.65
N LEU A 22 3.85 -2.28 -5.83
CA LEU A 22 2.88 -1.87 -6.83
C LEU A 22 1.78 -2.91 -7.00
N SER A 23 2.21 -4.12 -7.30
CA SER A 23 1.29 -5.24 -7.51
C SER A 23 0.38 -5.44 -6.29
N CYS A 24 0.85 -5.05 -5.11
CA CYS A 24 0.08 -5.24 -3.89
C CYS A 24 -0.75 -4.01 -3.56
N CYS A 25 -0.18 -2.82 -3.70
CA CYS A 25 -0.91 -1.61 -3.40
C CYS A 25 -2.19 -1.51 -4.22
N SER A 26 -2.02 -1.32 -5.52
CA SER A 26 -3.16 -1.21 -6.41
C SER A 26 -3.84 -2.53 -6.67
N LEU A 27 -3.05 -3.59 -6.71
CA LEU A 27 -3.57 -4.93 -6.97
C LEU A 27 -3.33 -5.88 -5.80
N GLY A 28 -3.64 -5.42 -4.59
CA GLY A 28 -3.46 -6.25 -3.41
C GLY A 28 -4.17 -5.70 -2.20
N ALA A 1 -1.39 1.05 13.22
CA ALA A 1 -1.94 0.69 11.89
C ALA A 1 -1.92 1.90 10.94
N GLN A 2 -0.76 2.14 10.34
CA GLN A 2 -0.60 3.27 9.42
C GLN A 2 -0.60 2.78 7.98
N ASN A 3 -1.16 3.59 7.09
CA ASN A 3 -1.24 3.25 5.68
C ASN A 3 -0.64 4.38 4.81
N PRO A 4 0.63 4.74 5.05
CA PRO A 4 1.29 5.81 4.28
C PRO A 4 1.44 5.46 2.82
N CYS A 5 1.58 4.18 2.55
CA CYS A 5 1.74 3.68 1.20
C CYS A 5 0.53 4.08 0.35
N SER A 6 -0.63 4.18 0.99
CA SER A 6 -1.85 4.59 0.30
C SER A 6 -1.68 5.99 -0.28
N LEU A 7 -0.99 6.83 0.49
CA LEU A 7 -0.72 8.20 0.10
C LEU A 7 0.24 8.21 -1.07
N GLN A 8 1.11 7.22 -1.06
CA GLN A 8 2.11 7.05 -2.11
C GLN A 8 1.50 6.32 -3.31
N GLN A 9 0.55 5.44 -3.04
CA GLN A 9 -0.13 4.67 -4.07
C GLN A 9 -1.59 4.46 -3.68
N PRO A 10 -2.53 5.22 -4.28
CA PRO A 10 -3.95 5.10 -3.97
C PRO A 10 -4.44 3.65 -3.87
N GLY A 11 -5.33 3.40 -2.92
CA GLY A 11 -5.89 2.07 -2.75
C GLY A 11 -4.97 1.07 -2.07
N CYS A 12 -3.68 1.39 -1.94
CA CYS A 12 -2.75 0.46 -1.33
C CYS A 12 -3.18 0.00 0.05
N SER A 13 -3.39 -1.29 0.11
CA SER A 13 -3.74 -1.98 1.34
C SER A 13 -2.68 -1.77 2.42
N SER A 14 -3.09 -1.46 3.62
CA SER A 14 -2.15 -1.29 4.72
C SER A 14 -1.38 -2.59 4.94
N ALA A 15 -2.07 -3.69 4.70
CA ALA A 15 -1.51 -5.03 4.85
C ALA A 15 -0.38 -5.26 3.87
N CYS A 16 -0.25 -4.38 2.90
CA CYS A 16 0.81 -4.50 1.91
C CYS A 16 2.10 -3.96 2.51
N ALA A 17 1.95 -3.11 3.53
CA ALA A 17 3.10 -2.53 4.21
C ALA A 17 3.84 -3.58 5.04
N PRO A 18 5.12 -3.36 5.34
CA PRO A 18 5.87 -2.15 4.93
C PRO A 18 6.38 -2.17 3.47
N ALA A 19 6.17 -3.29 2.77
CA ALA A 19 6.62 -3.42 1.40
C ALA A 19 5.86 -2.47 0.48
N CYS A 20 4.55 -2.65 0.50
CA CYS A 20 3.65 -1.85 -0.28
C CYS A 20 4.03 -1.86 -1.77
N ARG A 21 4.28 -3.05 -2.31
CA ARG A 21 4.66 -3.18 -3.72
C ARG A 21 3.51 -2.77 -4.63
N LEU A 22 3.86 -2.25 -5.79
CA LEU A 22 2.88 -1.81 -6.78
C LEU A 22 1.78 -2.84 -6.96
N SER A 23 2.19 -4.05 -7.27
CA SER A 23 1.26 -5.15 -7.48
C SER A 23 0.36 -5.36 -6.27
N CYS A 24 0.85 -5.00 -5.09
CA CYS A 24 0.08 -5.18 -3.87
C CYS A 24 -0.75 -3.95 -3.52
N CYS A 25 -0.15 -2.77 -3.62
CA CYS A 25 -0.88 -1.56 -3.30
C CYS A 25 -2.14 -1.41 -4.14
N SER A 26 -1.96 -1.22 -5.44
CA SER A 26 -3.08 -1.06 -6.34
C SER A 26 -3.80 -2.37 -6.62
N LEU A 27 -3.10 -3.27 -7.30
CA LEU A 27 -3.66 -4.57 -7.67
C LEU A 27 -3.95 -5.44 -6.45
N GLY A 28 -3.32 -5.12 -5.31
CA GLY A 28 -3.55 -5.89 -4.11
C GLY A 28 -4.41 -5.16 -3.10
N ALA A 1 1.35 3.42 13.71
CA ALA A 1 0.29 2.50 13.24
C ALA A 1 -0.53 3.14 12.12
N GLN A 2 0.14 3.44 11.00
CA GLN A 2 -0.52 4.05 9.86
C GLN A 2 0.05 3.51 8.55
N ASN A 3 -0.78 3.51 7.51
CA ASN A 3 -0.37 3.02 6.20
C ASN A 3 -0.02 4.19 5.27
N PRO A 4 1.22 4.72 5.33
CA PRO A 4 1.63 5.86 4.47
C PRO A 4 1.66 5.51 2.99
N CYS A 5 1.68 4.22 2.70
CA CYS A 5 1.72 3.76 1.33
C CYS A 5 0.49 4.21 0.56
N SER A 6 -0.62 4.33 1.27
CA SER A 6 -1.87 4.79 0.66
C SER A 6 -1.68 6.19 0.08
N LEU A 7 -0.95 7.00 0.85
CA LEU A 7 -0.64 8.38 0.47
C LEU A 7 0.29 8.39 -0.73
N GLN A 8 1.13 7.37 -0.77
CA GLN A 8 2.11 7.21 -1.84
C GLN A 8 1.49 6.54 -3.06
N GLN A 9 0.52 5.67 -2.81
CA GLN A 9 -0.18 4.97 -3.88
C GLN A 9 -1.65 4.77 -3.50
N PRO A 10 -2.58 5.04 -4.43
CA PRO A 10 -4.02 4.91 -4.16
C PRO A 10 -4.47 3.44 -4.06
N GLY A 11 -5.40 3.19 -3.16
CA GLY A 11 -5.94 1.84 -2.98
C GLY A 11 -5.00 0.87 -2.28
N CYS A 12 -3.73 1.23 -2.14
CA CYS A 12 -2.77 0.33 -1.49
C CYS A 12 -3.23 -0.12 -0.12
N SER A 13 -3.40 -1.42 -0.04
CA SER A 13 -3.75 -2.10 1.19
C SER A 13 -2.71 -1.84 2.27
N SER A 14 -3.15 -1.47 3.46
CA SER A 14 -2.22 -1.25 4.56
C SER A 14 -1.45 -2.53 4.84
N ALA A 15 -2.12 -3.65 4.62
CA ALA A 15 -1.55 -4.97 4.82
C ALA A 15 -0.38 -5.21 3.88
N CYS A 16 -0.25 -4.35 2.88
CA CYS A 16 0.85 -4.49 1.94
C CYS A 16 2.11 -3.91 2.55
N ALA A 17 1.93 -3.06 3.56
CA ALA A 17 3.07 -2.46 4.24
C ALA A 17 3.80 -3.48 5.11
N PRO A 18 5.09 -3.24 5.43
CA PRO A 18 5.83 -2.03 5.00
C PRO A 18 6.33 -2.06 3.55
N ALA A 19 6.14 -3.18 2.86
CA ALA A 19 6.60 -3.32 1.48
C ALA A 19 5.84 -2.40 0.55
N CYS A 20 4.54 -2.60 0.54
CA CYS A 20 3.64 -1.82 -0.27
C CYS A 20 4.06 -1.82 -1.74
N ARG A 21 4.37 -2.99 -2.27
CA ARG A 21 4.78 -3.11 -3.67
C ARG A 21 3.65 -2.76 -4.60
N LEU A 22 4.01 -2.23 -5.76
CA LEU A 22 3.04 -1.82 -6.78
C LEU A 22 1.98 -2.89 -6.97
N SER A 23 2.43 -4.09 -7.26
CA SER A 23 1.55 -5.23 -7.47
C SER A 23 0.63 -5.45 -6.28
N CYS A 24 1.08 -5.05 -5.10
CA CYS A 24 0.29 -5.25 -3.88
C CYS A 24 -0.59 -4.04 -3.57
N CYS A 25 -0.03 -2.84 -3.68
CA CYS A 25 -0.81 -1.66 -3.39
C CYS A 25 -2.06 -1.57 -4.24
N SER A 26 -1.87 -1.39 -5.53
CA SER A 26 -2.98 -1.29 -6.46
C SER A 26 -3.64 -2.64 -6.73
N LEU A 27 -2.80 -3.63 -6.96
CA LEU A 27 -3.27 -4.98 -7.26
C LEU A 27 -3.11 -5.91 -6.07
N GLY A 28 -3.44 -5.42 -4.88
CA GLY A 28 -3.33 -6.24 -3.69
C GLY A 28 -4.05 -5.65 -2.50
N ALA A 1 -0.39 3.41 13.45
CA ALA A 1 0.48 2.86 12.38
C ALA A 1 -0.08 3.16 11.00
N GLN A 2 -0.46 4.42 10.79
CA GLN A 2 -1.03 4.87 9.52
C GLN A 2 -0.32 4.23 8.33
N ASN A 3 -1.07 4.02 7.25
CA ASN A 3 -0.53 3.41 6.04
C ASN A 3 -0.07 4.49 5.06
N PRO A 4 1.24 4.88 5.08
CA PRO A 4 1.74 5.93 4.17
C PRO A 4 1.74 5.52 2.70
N CYS A 5 1.77 4.22 2.47
CA CYS A 5 1.79 3.69 1.13
C CYS A 5 0.55 4.11 0.37
N SER A 6 -0.55 4.30 1.08
CA SER A 6 -1.81 4.74 0.47
C SER A 6 -1.61 6.10 -0.19
N LEU A 7 -0.88 6.95 0.51
CA LEU A 7 -0.56 8.31 0.05
C LEU A 7 0.36 8.25 -1.14
N GLN A 8 1.20 7.24 -1.13
CA GLN A 8 2.19 7.02 -2.18
C GLN A 8 1.55 6.29 -3.37
N GLN A 9 0.59 5.43 -3.06
CA GLN A 9 -0.11 4.65 -4.08
C GLN A 9 -1.57 4.46 -3.68
N PRO A 10 -2.49 5.25 -4.28
CA PRO A 10 -3.92 5.15 -3.97
C PRO A 10 -4.43 3.72 -3.90
N GLY A 11 -5.36 3.49 -2.97
CA GLY A 11 -5.94 2.16 -2.82
C GLY A 11 -5.05 1.15 -2.12
N CYS A 12 -3.75 1.44 -2.01
CA CYS A 12 -2.83 0.50 -1.39
C CYS A 12 -3.27 0.07 0.00
N SER A 13 -3.50 -1.22 0.09
CA SER A 13 -3.87 -1.87 1.33
C SER A 13 -2.80 -1.66 2.39
N SER A 14 -3.21 -1.30 3.59
CA SER A 14 -2.25 -1.13 4.69
C SER A 14 -1.52 -2.44 4.94
N ALA A 15 -2.25 -3.53 4.73
CA ALA A 15 -1.73 -4.86 4.91
C ALA A 15 -0.61 -5.16 3.92
N CYS A 16 -0.46 -4.29 2.93
CA CYS A 16 0.59 -4.46 1.94
C CYS A 16 1.90 -3.94 2.54
N ALA A 17 1.78 -3.08 3.54
CA ALA A 17 2.96 -2.53 4.20
C ALA A 17 3.65 -3.59 5.06
N PRO A 18 4.95 -3.41 5.35
CA PRO A 18 5.74 -2.24 4.91
C PRO A 18 6.24 -2.31 3.46
N ALA A 19 5.99 -3.43 2.78
CA ALA A 19 6.42 -3.60 1.40
C ALA A 19 5.71 -2.65 0.47
N CYS A 20 4.40 -2.76 0.48
CA CYS A 20 3.54 -1.94 -0.32
C CYS A 20 3.92 -1.98 -1.79
N ARG A 21 4.15 -3.18 -2.32
CA ARG A 21 4.52 -3.34 -3.71
C ARG A 21 3.39 -2.93 -4.63
N LEU A 22 3.75 -2.41 -5.80
CA LEU A 22 2.78 -1.96 -6.80
C LEU A 22 1.66 -2.97 -6.96
N SER A 23 2.04 -4.19 -7.26
CA SER A 23 1.09 -5.28 -7.45
C SER A 23 0.17 -5.44 -6.23
N CYS A 24 0.67 -5.08 -5.06
CA CYS A 24 -0.10 -5.22 -3.84
C CYS A 24 -0.90 -3.96 -3.51
N CYS A 25 -0.27 -2.80 -3.63
CA CYS A 25 -0.98 -1.57 -3.33
C CYS A 25 -2.22 -1.40 -4.18
N SER A 26 -2.03 -1.22 -5.47
CA SER A 26 -3.14 -1.03 -6.39
C SER A 26 -3.88 -2.33 -6.68
N LEU A 27 -3.20 -3.24 -7.34
CA LEU A 27 -3.77 -4.53 -7.71
C LEU A 27 -4.08 -5.40 -6.50
N GLY A 28 -3.53 -5.04 -5.34
CA GLY A 28 -3.77 -5.82 -4.14
C GLY A 28 -4.62 -5.06 -3.13
N ALA A 1 0.63 6.77 13.98
CA ALA A 1 1.11 6.57 12.59
C ALA A 1 0.02 5.95 11.71
N GLN A 2 0.02 6.32 10.43
CA GLN A 2 -0.98 5.80 9.50
C GLN A 2 -0.30 5.24 8.25
N ASN A 3 -0.91 4.20 7.68
CA ASN A 3 -0.39 3.57 6.48
C ASN A 3 0.02 4.61 5.43
N PRO A 4 1.32 4.95 5.29
CA PRO A 4 1.76 5.96 4.33
C PRO A 4 1.66 5.49 2.88
N CYS A 5 1.44 4.20 2.70
CA CYS A 5 1.32 3.63 1.37
C CYS A 5 0.17 4.29 0.61
N SER A 6 -0.87 4.68 1.34
CA SER A 6 -2.01 5.35 0.74
C SER A 6 -1.61 6.67 0.09
N LEU A 7 -0.76 7.41 0.77
CA LEU A 7 -0.29 8.72 0.31
C LEU A 7 0.58 8.59 -0.91
N GLN A 8 1.40 7.56 -0.89
CA GLN A 8 2.32 7.31 -2.00
C GLN A 8 1.63 6.53 -3.11
N GLN A 9 0.69 5.68 -2.72
CA GLN A 9 -0.07 4.87 -3.67
C GLN A 9 -1.51 4.70 -3.20
N PRO A 10 -2.50 5.04 -4.06
CA PRO A 10 -3.92 4.91 -3.70
C PRO A 10 -4.42 3.48 -3.76
N GLY A 11 -5.43 3.17 -2.96
CA GLY A 11 -6.00 1.82 -2.93
C GLY A 11 -5.11 0.80 -2.25
N CYS A 12 -3.82 1.12 -2.10
CA CYS A 12 -2.86 0.22 -1.49
C CYS A 12 -3.30 -0.27 -0.13
N SER A 13 -3.45 -1.57 -0.06
CA SER A 13 -3.79 -2.28 1.16
C SER A 13 -2.74 -2.01 2.23
N SER A 14 -3.17 -1.66 3.42
CA SER A 14 -2.24 -1.42 4.53
C SER A 14 -1.43 -2.68 4.80
N ALA A 15 -2.07 -3.82 4.56
CA ALA A 15 -1.45 -5.13 4.76
C ALA A 15 -0.28 -5.33 3.81
N CYS A 16 -0.17 -4.46 2.82
CA CYS A 16 0.93 -4.55 1.87
C CYS A 16 2.17 -3.93 2.48
N ALA A 17 1.95 -3.08 3.49
CA ALA A 17 3.06 -2.42 4.19
C ALA A 17 3.84 -3.41 5.05
N PRO A 18 5.09 -3.07 5.41
CA PRO A 18 5.73 -1.80 5.03
C PRO A 18 6.25 -1.74 3.58
N ALA A 19 6.22 -2.87 2.88
CA ALA A 19 6.70 -2.92 1.50
C ALA A 19 5.81 -2.09 0.59
N CYS A 20 4.55 -2.48 0.55
CA CYS A 20 3.55 -1.83 -0.25
C CYS A 20 3.98 -1.72 -1.71
N ARG A 21 4.36 -2.84 -2.30
CA ARG A 21 4.79 -2.89 -3.69
C ARG A 21 3.63 -2.56 -4.63
N LEU A 22 3.97 -2.01 -5.79
CA LEU A 22 2.98 -1.64 -6.80
C LEU A 22 1.97 -2.74 -7.01
N SER A 23 2.47 -3.92 -7.33
CA SER A 23 1.62 -5.08 -7.56
C SER A 23 0.71 -5.38 -6.37
N CYS A 24 1.14 -4.99 -5.18
CA CYS A 24 0.36 -5.26 -3.98
C CYS A 24 -0.56 -4.10 -3.63
N CYS A 25 -0.06 -2.87 -3.76
CA CYS A 25 -0.88 -1.72 -3.44
C CYS A 25 -2.16 -1.70 -4.28
N SER A 26 -2.00 -1.48 -5.56
CA SER A 26 -3.14 -1.43 -6.47
C SER A 26 -3.70 -2.82 -6.74
N LEU A 27 -2.83 -3.71 -7.16
CA LEU A 27 -3.20 -5.08 -7.49
C LEU A 27 -3.01 -6.01 -6.30
N GLY A 28 -3.39 -5.54 -5.11
CA GLY A 28 -3.25 -6.36 -3.93
C GLY A 28 -4.01 -5.79 -2.74
N ALA A 1 0.71 0.63 13.33
CA ALA A 1 0.27 0.24 11.97
C ALA A 1 -0.15 1.47 11.16
N GLN A 2 0.78 2.04 10.40
CA GLN A 2 0.50 3.21 9.59
C GLN A 2 0.29 2.81 8.13
N ASN A 3 -0.50 3.61 7.42
CA ASN A 3 -0.80 3.34 6.02
C ASN A 3 -0.26 4.44 5.11
N PRO A 4 1.05 4.78 5.22
CA PRO A 4 1.65 5.83 4.39
C PRO A 4 1.69 5.46 2.91
N CYS A 5 1.67 4.17 2.65
CA CYS A 5 1.70 3.66 1.30
C CYS A 5 0.48 4.12 0.53
N SER A 6 -0.63 4.33 1.23
CA SER A 6 -1.85 4.82 0.60
C SER A 6 -1.60 6.19 -0.04
N LEU A 7 -0.83 7.01 0.68
CA LEU A 7 -0.47 8.35 0.23
C LEU A 7 0.46 8.24 -0.96
N GLN A 8 1.25 7.18 -0.94
CA GLN A 8 2.22 6.92 -2.00
C GLN A 8 1.55 6.21 -3.17
N GLN A 9 0.54 5.42 -2.89
CA GLN A 9 -0.19 4.68 -3.90
C GLN A 9 -1.68 4.60 -3.52
N PRO A 10 -2.59 4.82 -4.48
CA PRO A 10 -4.03 4.79 -4.21
C PRO A 10 -4.56 3.38 -3.93
N GLY A 11 -5.38 3.28 -2.88
CA GLY A 11 -5.98 2.00 -2.53
C GLY A 11 -5.02 0.99 -1.91
N CYS A 12 -3.74 1.34 -1.81
CA CYS A 12 -2.76 0.41 -1.25
C CYS A 12 -3.15 -0.12 0.11
N SER A 13 -3.33 -1.41 0.14
CA SER A 13 -3.63 -2.15 1.35
C SER A 13 -2.55 -1.95 2.40
N SER A 14 -2.95 -1.68 3.64
CA SER A 14 -1.98 -1.52 4.72
C SER A 14 -1.19 -2.82 4.88
N ALA A 15 -1.86 -3.92 4.61
CA ALA A 15 -1.27 -5.25 4.71
C ALA A 15 -0.14 -5.43 3.71
N CYS A 16 -0.06 -4.50 2.75
CA CYS A 16 1.00 -4.57 1.76
C CYS A 16 2.27 -4.01 2.36
N ALA A 17 2.11 -3.22 3.41
CA ALA A 17 3.26 -2.62 4.09
C ALA A 17 4.05 -3.66 4.88
N PRO A 18 5.33 -3.41 5.16
CA PRO A 18 6.02 -2.16 4.76
C PRO A 18 6.48 -2.12 3.30
N ALA A 19 6.30 -3.20 2.56
CA ALA A 19 6.71 -3.27 1.16
C ALA A 19 5.89 -2.32 0.31
N CYS A 20 4.59 -2.56 0.33
CA CYS A 20 3.64 -1.79 -0.41
C CYS A 20 4.01 -1.71 -1.90
N ARG A 21 4.30 -2.86 -2.49
CA ARG A 21 4.66 -2.91 -3.91
C ARG A 21 3.47 -2.51 -4.79
N LEU A 22 3.79 -1.95 -5.95
CA LEU A 22 2.78 -1.51 -6.90
C LEU A 22 1.70 -2.56 -7.09
N SER A 23 2.13 -3.74 -7.47
CA SER A 23 1.23 -4.86 -7.69
C SER A 23 0.37 -5.15 -6.46
N CYS A 24 0.88 -4.80 -5.29
CA CYS A 24 0.15 -5.06 -4.05
C CYS A 24 -0.70 -3.87 -3.64
N CYS A 25 -0.16 -2.66 -3.74
CA CYS A 25 -0.91 -1.50 -3.35
C CYS A 25 -2.21 -1.38 -4.14
N SER A 26 -2.09 -1.13 -5.42
CA SER A 26 -3.26 -0.99 -6.28
C SER A 26 -3.94 -2.32 -6.59
N LEU A 27 -3.21 -3.15 -7.33
CA LEU A 27 -3.72 -4.46 -7.74
C LEU A 27 -3.91 -5.40 -6.55
N GLY A 28 -3.34 -5.05 -5.41
CA GLY A 28 -3.47 -5.88 -4.23
C GLY A 28 -4.31 -5.23 -3.15
N ALA A 1 1.39 1.53 13.49
CA ALA A 1 1.89 1.19 12.13
C ALA A 1 0.96 1.75 11.05
N GLN A 2 1.17 3.00 10.68
CA GLN A 2 0.34 3.64 9.66
C GLN A 2 0.75 3.18 8.27
N ASN A 3 -0.18 3.23 7.33
CA ASN A 3 0.07 2.81 5.96
C ASN A 3 0.32 4.02 5.05
N PRO A 4 1.53 4.62 5.06
CA PRO A 4 1.82 5.78 4.22
C PRO A 4 1.80 5.46 2.73
N CYS A 5 1.82 4.18 2.42
CA CYS A 5 1.81 3.72 1.04
C CYS A 5 0.52 4.12 0.34
N SER A 6 -0.55 4.21 1.10
CA SER A 6 -1.84 4.63 0.55
C SER A 6 -1.72 6.03 -0.04
N LEU A 7 -1.01 6.88 0.69
CA LEU A 7 -0.77 8.27 0.29
C LEU A 7 0.12 8.31 -0.93
N GLN A 8 1.00 7.33 -0.99
CA GLN A 8 1.96 7.23 -2.10
C GLN A 8 1.32 6.52 -3.30
N GLN A 9 0.41 5.60 -3.02
CA GLN A 9 -0.28 4.85 -4.06
C GLN A 9 -1.72 4.56 -3.62
N PRO A 10 -2.69 5.32 -4.15
CA PRO A 10 -4.11 5.14 -3.80
C PRO A 10 -4.53 3.67 -3.82
N GLY A 11 -5.45 3.32 -2.92
CA GLY A 11 -5.97 1.96 -2.86
C GLY A 11 -5.04 0.96 -2.17
N CYS A 12 -3.74 1.28 -2.08
CA CYS A 12 -2.80 0.36 -1.47
C CYS A 12 -3.21 -0.08 -0.08
N SER A 13 -3.42 -1.36 0.02
CA SER A 13 -3.75 -2.03 1.26
C SER A 13 -2.67 -1.80 2.32
N SER A 14 -3.06 -1.45 3.53
CA SER A 14 -2.09 -1.25 4.60
C SER A 14 -1.31 -2.54 4.83
N ALA A 15 -1.99 -3.65 4.65
CA ALA A 15 -1.41 -4.98 4.83
C ALA A 15 -0.30 -5.22 3.83
N CYS A 16 -0.20 -4.36 2.82
CA CYS A 16 0.84 -4.51 1.83
C CYS A 16 2.14 -3.94 2.38
N ALA A 17 2.00 -3.05 3.37
CA ALA A 17 3.17 -2.45 4.01
C ALA A 17 3.91 -3.46 4.88
N PRO A 18 5.21 -3.23 5.15
CA PRO A 18 5.95 -2.05 4.66
C PRO A 18 6.43 -2.14 3.21
N ALA A 19 6.19 -3.28 2.56
CA ALA A 19 6.61 -3.48 1.17
C ALA A 19 5.84 -2.56 0.25
N CYS A 20 4.53 -2.70 0.29
CA CYS A 20 3.63 -1.92 -0.50
C CYS A 20 3.99 -1.99 -1.99
N ARG A 21 4.21 -3.20 -2.49
CA ARG A 21 4.56 -3.39 -3.90
C ARG A 21 3.40 -3.01 -4.79
N LEU A 22 3.73 -2.50 -5.98
CA LEU A 22 2.74 -2.08 -6.96
C LEU A 22 1.63 -3.11 -7.10
N SER A 23 2.03 -4.33 -7.39
CA SER A 23 1.09 -5.42 -7.56
C SER A 23 0.20 -5.60 -6.33
N CYS A 24 0.72 -5.20 -5.16
CA CYS A 24 -0.03 -5.34 -3.92
C CYS A 24 -0.84 -4.09 -3.59
N CYS A 25 -0.24 -2.92 -3.73
CA CYS A 25 -0.96 -1.69 -3.42
C CYS A 25 -2.22 -1.57 -4.25
N SER A 26 -2.06 -1.39 -5.54
CA SER A 26 -3.19 -1.24 -6.43
C SER A 26 -3.91 -2.56 -6.68
N LEU A 27 -3.14 -3.55 -7.12
CA LEU A 27 -3.66 -4.87 -7.42
C LEU A 27 -3.55 -5.80 -6.22
N GLY A 28 -3.84 -5.28 -5.03
CA GLY A 28 -3.76 -6.09 -3.83
C GLY A 28 -4.44 -5.42 -2.64
N ALA A 1 4.31 3.86 11.66
CA ALA A 1 2.88 3.47 11.86
C ALA A 1 2.02 3.90 10.67
N GLN A 2 0.72 3.66 10.78
CA GLN A 2 -0.22 4.04 9.71
C GLN A 2 0.22 3.48 8.37
N ASN A 3 -0.66 3.57 7.38
CA ASN A 3 -0.39 3.07 6.05
C ASN A 3 -0.02 4.22 5.10
N PRO A 4 1.23 4.74 5.17
CA PRO A 4 1.65 5.85 4.29
C PRO A 4 1.69 5.47 2.82
N CYS A 5 1.66 4.17 2.56
CA CYS A 5 1.69 3.68 1.21
C CYS A 5 0.47 4.11 0.42
N SER A 6 -0.64 4.28 1.11
CA SER A 6 -1.88 4.75 0.48
C SER A 6 -1.66 6.13 -0.14
N LEU A 7 -0.93 6.95 0.59
CA LEU A 7 -0.59 8.31 0.18
C LEU A 7 0.35 8.27 -1.01
N GLN A 8 1.18 7.24 -1.00
CA GLN A 8 2.18 7.04 -2.06
C GLN A 8 1.56 6.34 -3.26
N GLN A 9 0.59 5.47 -2.99
CA GLN A 9 -0.10 4.72 -4.03
C GLN A 9 -1.57 4.52 -3.66
N PRO A 10 -2.50 5.29 -4.26
CA PRO A 10 -3.92 5.18 -3.97
C PRO A 10 -4.41 3.74 -3.90
N GLY A 11 -5.33 3.48 -2.98
CA GLY A 11 -5.91 2.15 -2.83
C GLY A 11 -5.01 1.14 -2.14
N CYS A 12 -3.72 1.45 -2.02
CA CYS A 12 -2.78 0.51 -1.40
C CYS A 12 -3.22 0.06 -0.01
N SER A 13 -3.45 -1.23 0.07
CA SER A 13 -3.81 -1.90 1.30
C SER A 13 -2.74 -1.69 2.36
N SER A 14 -3.16 -1.34 3.57
CA SER A 14 -2.20 -1.17 4.67
C SER A 14 -1.47 -2.47 4.91
N ALA A 15 -2.19 -3.57 4.70
CA ALA A 15 -1.67 -4.91 4.87
C ALA A 15 -0.54 -5.18 3.90
N CYS A 16 -0.40 -4.31 2.91
CA CYS A 16 0.67 -4.47 1.93
C CYS A 16 1.97 -3.95 2.52
N ALA A 17 1.84 -3.10 3.53
CA ALA A 17 3.01 -2.54 4.21
C ALA A 17 3.72 -3.59 5.04
N PRO A 18 5.02 -3.39 5.34
CA PRO A 18 5.79 -2.20 4.90
C PRO A 18 6.27 -2.25 3.45
N ALA A 19 6.03 -3.36 2.76
CA ALA A 19 6.46 -3.51 1.37
C ALA A 19 5.72 -2.56 0.46
N CYS A 20 4.41 -2.71 0.47
CA CYS A 20 3.52 -1.91 -0.32
C CYS A 20 3.92 -1.92 -1.80
N ARG A 21 4.17 -3.10 -2.33
CA ARG A 21 4.56 -3.24 -3.74
C ARG A 21 3.42 -2.83 -4.66
N LEU A 22 3.78 -2.32 -5.83
CA LEU A 22 2.81 -1.87 -6.82
C LEU A 22 1.69 -2.90 -6.99
N SER A 23 2.10 -4.12 -7.30
CA SER A 23 1.15 -5.21 -7.49
C SER A 23 0.25 -5.41 -6.28
N CYS A 24 0.75 -5.03 -5.11
CA CYS A 24 -0.02 -5.20 -3.87
C CYS A 24 -0.84 -3.96 -3.54
N CYS A 25 -0.24 -2.78 -3.66
CA CYS A 25 -0.96 -1.56 -3.35
C CYS A 25 -2.23 -1.43 -4.18
N SER A 26 -2.06 -1.25 -5.47
CA SER A 26 -3.20 -1.10 -6.36
C SER A 26 -3.90 -2.43 -6.62
N LEU A 27 -3.11 -3.40 -7.06
CA LEU A 27 -3.61 -4.73 -7.37
C LEU A 27 -3.51 -5.67 -6.18
N GLY A 28 -3.81 -5.16 -4.99
CA GLY A 28 -3.73 -5.97 -3.79
C GLY A 28 -4.41 -5.33 -2.60
N ALA A 1 1.27 0.08 12.31
CA ALA A 1 1.41 1.55 12.21
C ALA A 1 0.76 2.08 10.94
N GLN A 2 0.48 3.38 10.92
CA GLN A 2 -0.16 4.03 9.76
C GLN A 2 0.35 3.48 8.45
N ASN A 3 -0.52 3.50 7.45
CA ASN A 3 -0.18 3.01 6.13
C ASN A 3 0.17 4.18 5.18
N PRO A 4 1.42 4.70 5.21
CA PRO A 4 1.81 5.82 4.35
C PRO A 4 1.81 5.46 2.87
N CYS A 5 1.77 4.17 2.59
CA CYS A 5 1.77 3.70 1.22
C CYS A 5 0.53 4.17 0.47
N SER A 6 -0.55 4.35 1.20
CA SER A 6 -1.79 4.85 0.62
C SER A 6 -1.57 6.22 0.01
N LEU A 7 -0.81 7.03 0.74
CA LEU A 7 -0.45 8.39 0.33
C LEU A 7 0.47 8.34 -0.87
N GLN A 8 1.27 7.30 -0.91
CA GLN A 8 2.24 7.09 -1.98
C GLN A 8 1.58 6.43 -3.18
N GLN A 9 0.59 5.59 -2.92
CA GLN A 9 -0.14 4.88 -3.96
C GLN A 9 -1.61 4.75 -3.56
N PRO A 10 -2.54 5.02 -4.48
CA PRO A 10 -3.98 4.94 -4.20
C PRO A 10 -4.48 3.51 -4.07
N GLY A 11 -5.40 3.32 -3.12
CA GLY A 11 -5.99 1.99 -2.90
C GLY A 11 -5.07 1.00 -2.20
N CYS A 12 -3.78 1.32 -2.08
CA CYS A 12 -2.84 0.39 -1.45
C CYS A 12 -3.29 -0.04 -0.08
N SER A 13 -3.49 -1.33 0.01
CA SER A 13 -3.84 -1.99 1.25
C SER A 13 -2.78 -1.75 2.32
N SER A 14 -3.19 -1.38 3.52
CA SER A 14 -2.24 -1.18 4.60
C SER A 14 -1.49 -2.47 4.88
N ALA A 15 -2.20 -3.58 4.67
CA ALA A 15 -1.65 -4.91 4.87
C ALA A 15 -0.52 -5.19 3.91
N CYS A 16 -0.38 -4.35 2.90
CA CYS A 16 0.69 -4.52 1.93
C CYS A 16 1.98 -3.97 2.52
N ALA A 17 1.84 -3.10 3.52
CA ALA A 17 3.01 -2.51 4.17
C ALA A 17 3.73 -3.56 5.04
N PRO A 18 5.03 -3.34 5.32
CA PRO A 18 5.79 -2.16 4.87
C PRO A 18 6.27 -2.23 3.41
N ALA A 19 6.04 -3.34 2.74
CA ALA A 19 6.46 -3.51 1.36
C ALA A 19 5.71 -2.58 0.43
N CYS A 20 4.40 -2.74 0.44
CA CYS A 20 3.51 -1.95 -0.36
C CYS A 20 3.89 -1.97 -1.83
N ARG A 21 4.16 -3.16 -2.36
CA ARG A 21 4.54 -3.30 -3.77
C ARG A 21 3.39 -2.91 -4.68
N LEU A 22 3.74 -2.41 -5.86
CA LEU A 22 2.77 -1.98 -6.85
C LEU A 22 1.67 -3.01 -7.01
N SER A 23 2.09 -4.23 -7.31
CA SER A 23 1.15 -5.33 -7.50
C SER A 23 0.25 -5.52 -6.28
N CYS A 24 0.74 -5.13 -5.11
CA CYS A 24 -0.03 -5.31 -3.87
C CYS A 24 -0.85 -4.07 -3.54
N CYS A 25 -0.27 -2.89 -3.69
CA CYS A 25 -0.99 -1.67 -3.39
C CYS A 25 -2.26 -1.56 -4.20
N SER A 26 -2.11 -1.38 -5.50
CA SER A 26 -3.24 -1.25 -6.40
C SER A 26 -3.95 -2.58 -6.64
N LEU A 27 -3.15 -3.62 -6.83
CA LEU A 27 -3.68 -4.95 -7.10
C LEU A 27 -3.48 -5.90 -5.92
N GLY A 28 -3.79 -5.41 -4.72
CA GLY A 28 -3.64 -6.24 -3.53
C GLY A 28 -4.42 -5.69 -2.35
#